data_6BS0
#
_entry.id   6BS0
#
_cell.length_a   44.407
_cell.length_b   57.494
_cell.length_c   61.082
_cell.angle_alpha   90.00
_cell.angle_beta   110.47
_cell.angle_gamma   90.00
#
_symmetry.space_group_name_H-M   'P 1 21 1'
#
loop_
_entity.id
_entity.type
_entity.pdbx_description
1 polymer 'Tyrosine-protein kinase JAK2'
2 non-polymer 4-(5-aminopyrazin-2-yl)-1H-pyrrolo[2,3-b]pyridin-6-amine
3 non-polymer GLYCEROL
4 water water
#
_entity_poly.entity_id   1
_entity_poly.type   'polypeptide(L)'
_entity_poly.pdbx_seq_one_letter_code
;VFHKIRNEDLIFNESLGQGTFTKIFKGVRREVGDYGQLHETEVLLKVLDKAHRNYSESFFEAASMMSKLSHKHLVLNYGV
CVCGDENILVQEFVKFGSLDTYLKKNKNCINILWKLEVAKQLAAAMHFLEENTLIHGNVCAKNILLIREEDRKTGNPPFI
KLSDPGISITVLPKDILQERIPWVPPECIENPKNLNLATDKWSFGTTLWEICSGGDKPLSALDSQRKLQFYEDRHQLPAP
KAAELANLINNCMDYEPDHRPSFRAIIRDLNSLFTPDLVPRGSHHHHHH
;
_entity_poly.pdbx_strand_id   A
#
# COMPACT_ATOMS: atom_id res chain seq x y z
N PHE A 2 4.61 19.60 5.47
CA PHE A 2 4.71 18.66 6.59
C PHE A 2 5.18 19.35 7.85
N HIS A 3 4.52 19.02 8.96
CA HIS A 3 4.97 19.44 10.27
C HIS A 3 6.36 18.91 10.53
N LYS A 4 7.21 19.73 11.14
CA LYS A 4 8.59 19.35 11.43
C LYS A 4 8.69 18.88 12.87
N ILE A 5 9.21 17.67 13.05
CA ILE A 5 9.39 17.05 14.36
C ILE A 5 10.88 17.03 14.66
N ARG A 6 11.26 17.46 15.86
CA ARG A 6 12.69 17.46 16.12
C ARG A 6 13.19 16.07 16.50
N ASN A 7 14.45 15.79 16.14
CA ASN A 7 15.06 14.49 16.45
C ASN A 7 15.02 14.21 17.93
N GLU A 8 15.17 15.25 18.76
CA GLU A 8 15.17 15.06 20.21
C GLU A 8 13.88 14.47 20.71
N ASP A 9 12.81 14.64 19.96
CA ASP A 9 11.52 14.17 20.44
C ASP A 9 11.22 12.78 19.94
N LEU A 10 12.17 12.16 19.24
CA LEU A 10 11.92 10.84 18.68
C LEU A 10 12.87 9.83 19.29
N ILE A 11 12.34 8.69 19.67
CA ILE A 11 13.16 7.59 20.15
C ILE A 11 12.96 6.44 19.17
N PHE A 12 14.08 5.89 18.67
CA PHE A 12 14.05 4.72 17.77
C PHE A 12 14.11 3.44 18.57
N ASN A 13 13.17 2.52 18.31
CA ASN A 13 13.28 1.20 18.93
C ASN A 13 13.42 0.14 17.83
N GLU A 14 12.71 -0.98 17.91
CA GLU A 14 13.08 -2.10 17.03
C GLU A 14 12.89 -1.83 15.54
N SER A 15 13.76 -2.47 14.76
CA SER A 15 13.56 -2.56 13.32
C SER A 15 12.35 -3.42 13.00
N LEU A 16 11.54 -2.95 12.05
CA LEU A 16 10.39 -3.68 11.57
C LEU A 16 10.56 -4.14 10.15
N GLY A 17 11.66 -3.79 9.52
CA GLY A 17 11.90 -4.28 8.18
C GLY A 17 12.45 -3.21 7.28
N GLN A 18 12.42 -3.51 5.99
CA GLN A 18 13.00 -2.61 5.01
C GLN A 18 12.04 -2.50 3.83
N GLY A 19 12.10 -1.35 3.17
CA GLY A 19 11.39 -1.11 1.92
C GLY A 19 12.37 -0.68 0.86
N THR A 20 11.88 -0.11 -0.22
CA THR A 20 12.75 0.27 -1.33
C THR A 20 13.53 1.50 -0.90
N PHE A 21 14.82 1.32 -0.66
CA PHE A 21 15.75 2.37 -0.22
C PHE A 21 15.37 2.93 1.14
N THR A 22 14.60 2.18 1.94
CA THR A 22 14.18 2.65 3.26
C THR A 22 14.34 1.55 4.31
N LYS A 23 14.30 1.98 5.58
CA LYS A 23 14.28 1.08 6.73
C LYS A 23 13.17 1.57 7.66
N ILE A 24 12.41 0.66 8.26
CA ILE A 24 11.30 1.09 9.12
C ILE A 24 11.54 0.60 10.55
N PHE A 25 11.14 1.44 11.51
CA PHE A 25 11.35 1.17 12.93
C PHE A 25 10.09 1.48 13.70
N LYS A 26 9.89 0.77 14.78
CA LYS A 26 8.94 1.26 15.79
C LYS A 26 9.64 2.32 16.62
N GLY A 27 8.93 3.36 17.01
CA GLY A 27 9.52 4.35 17.92
C GLY A 27 8.51 5.07 18.75
N VAL A 28 9.00 6.07 19.49
CA VAL A 28 8.15 6.85 20.36
C VAL A 28 8.35 8.32 20.05
N ARG A 29 7.27 9.08 20.01
CA ARG A 29 7.30 10.52 19.84
C ARG A 29 6.81 11.18 21.12
N ARG A 30 7.63 12.04 21.69
CA ARG A 30 7.21 12.85 22.83
C ARG A 30 6.56 14.11 22.29
N GLU A 31 5.34 14.40 22.75
CA GLU A 31 4.67 15.56 22.17
C GLU A 31 3.72 16.18 23.18
N VAL A 32 3.41 17.46 22.96
CA VAL A 32 2.29 18.10 23.67
C VAL A 32 1.02 17.89 22.83
N GLY A 33 0.00 17.32 23.44
CA GLY A 33 -1.24 17.05 22.74
C GLY A 33 -2.36 17.97 23.16
N ASP A 34 -3.59 17.52 22.91
CA ASP A 34 -4.74 18.36 23.27
C ASP A 34 -4.75 18.70 24.76
N TYR A 35 -5.23 19.90 25.04
CA TYR A 35 -5.32 20.43 26.39
C TYR A 35 -3.96 20.59 27.02
N GLY A 36 -2.93 20.63 26.19
CA GLY A 36 -1.59 20.77 26.74
C GLY A 36 -1.05 19.55 27.46
N GLN A 37 -1.71 18.39 27.35
CA GLN A 37 -1.20 17.18 28.00
C GLN A 37 0.01 16.64 27.27
N LEU A 38 1.02 16.23 28.03
CA LEU A 38 2.15 15.51 27.45
C LEU A 38 1.84 14.05 27.14
N HIS A 39 2.28 13.58 26.00
CA HIS A 39 2.06 12.22 25.54
C HIS A 39 3.36 11.62 25.06
N GLU A 40 3.51 10.31 25.24
CA GLU A 40 4.55 9.53 24.56
C GLU A 40 3.81 8.59 23.61
N THR A 41 3.84 8.91 22.33
CA THR A 41 3.00 8.26 21.30
C THR A 41 3.82 7.24 20.53
N GLU A 42 3.29 6.02 20.40
CA GLU A 42 3.93 5.05 19.51
C GLU A 42 3.83 5.53 18.07
N VAL A 43 4.93 5.39 17.30
CA VAL A 43 4.96 5.88 15.93
C VAL A 43 5.70 4.86 15.07
N LEU A 44 5.38 4.84 13.77
CA LEU A 44 6.21 4.22 12.75
C LEU A 44 7.19 5.23 12.20
N LEU A 45 8.50 4.89 12.24
CA LEU A 45 9.54 5.77 11.71
C LEU A 45 10.07 5.15 10.43
N LYS A 46 9.88 5.85 9.31
CA LYS A 46 10.30 5.35 7.98
C LYS A 46 11.51 6.19 7.58
N VAL A 47 12.68 5.56 7.41
CA VAL A 47 13.93 6.28 7.23
C VAL A 47 14.47 6.03 5.83
N LEU A 48 14.71 7.10 5.08
CA LEU A 48 15.37 6.95 3.78
C LEU A 48 16.85 6.64 3.99
N ASP A 49 17.35 5.60 3.30
CA ASP A 49 18.76 5.23 3.42
C ASP A 49 19.64 6.44 3.08
N LYS A 50 20.69 6.67 3.88
CA LYS A 50 21.56 7.82 3.61
C LYS A 50 22.20 7.71 2.23
N ALA A 51 22.53 6.49 1.79
CA ALA A 51 23.12 6.31 0.47
C ALA A 51 22.20 6.72 -0.65
N HIS A 52 20.90 6.81 -0.38
CA HIS A 52 19.90 7.13 -1.39
C HIS A 52 19.26 8.46 -1.11
N ARG A 53 20.00 9.35 -0.43
CA ARG A 53 19.51 10.69 -0.12
C ARG A 53 18.99 11.44 -1.34
N ASN A 54 19.49 11.13 -2.54
CA ASN A 54 19.04 11.86 -3.71
C ASN A 54 17.59 11.53 -4.10
N TYR A 55 16.96 10.57 -3.42
CA TYR A 55 15.54 10.29 -3.64
C TYR A 55 14.65 11.02 -2.64
N SER A 56 15.21 11.93 -1.83
CA SER A 56 14.40 12.47 -0.73
C SER A 56 13.15 13.19 -1.22
N GLU A 57 13.24 13.93 -2.33
CA GLU A 57 12.06 14.62 -2.83
C GLU A 57 10.95 13.62 -3.14
N SER A 58 11.28 12.56 -3.88
CA SER A 58 10.23 11.59 -4.21
C SER A 58 9.75 10.88 -2.97
N PHE A 59 10.69 10.62 -2.03
CA PHE A 59 10.33 9.93 -0.81
C PHE A 59 9.27 10.74 -0.06
N PHE A 60 9.47 12.05 0.05
CA PHE A 60 8.50 12.85 0.79
C PHE A 60 7.30 13.17 -0.05
N GLU A 61 7.47 13.24 -1.39
CA GLU A 61 6.33 13.51 -2.24
C GLU A 61 5.31 12.40 -2.07
N ALA A 62 5.82 11.18 -1.85
CA ALA A 62 4.94 10.06 -1.57
C ALA A 62 4.06 10.37 -0.37
N ALA A 63 4.67 10.73 0.76
CA ALA A 63 3.83 11.00 1.92
C ALA A 63 2.94 12.21 1.68
N SER A 64 3.48 13.23 0.98
CA SER A 64 2.68 14.41 0.72
CA SER A 64 2.69 14.41 0.70
C SER A 64 1.39 14.02 0.02
N MET A 65 1.47 13.05 -0.89
CA MET A 65 0.27 12.57 -1.56
C MET A 65 -0.77 12.17 -0.52
N MET A 66 -0.35 11.31 0.40
CA MET A 66 -1.23 10.72 1.40
C MET A 66 -1.84 11.76 2.34
N SER A 67 -1.22 12.93 2.47
CA SER A 67 -1.74 13.92 3.41
C SER A 67 -2.39 15.09 2.69
N LYS A 68 -2.47 15.06 1.37
CA LYS A 68 -3.20 16.11 0.65
C LYS A 68 -4.66 16.12 1.07
N LEU A 69 -5.19 14.93 1.34
CA LEU A 69 -6.57 14.65 1.68
C LEU A 69 -6.60 13.94 3.03
N SER A 70 -7.71 14.07 3.75
CA SER A 70 -7.97 13.35 5.00
C SER A 70 -9.08 12.33 4.75
N HIS A 71 -8.90 11.08 5.18
CA HIS A 71 -9.91 10.06 4.96
C HIS A 71 -9.73 8.92 5.98
N LYS A 72 -10.82 8.29 6.36
CA LYS A 72 -10.71 7.25 7.39
C LYS A 72 -9.89 6.05 6.93
N HIS A 73 -9.77 5.81 5.62
CA HIS A 73 -9.00 4.68 5.14
C HIS A 73 -7.61 5.08 4.62
N LEU A 74 -7.08 6.25 4.99
CA LEU A 74 -5.73 6.65 4.57
C LEU A 74 -4.87 6.82 5.82
N VAL A 75 -3.66 6.25 5.79
CA VAL A 75 -2.76 6.34 6.95
C VAL A 75 -2.52 7.78 7.34
N LEU A 76 -2.39 8.02 8.65
CA LEU A 76 -2.06 9.35 9.17
C LEU A 76 -0.54 9.56 9.19
N ASN A 77 -0.07 10.60 8.50
CA ASN A 77 1.32 11.07 8.68
C ASN A 77 1.32 12.15 9.73
N TYR A 78 2.19 12.01 10.73
CA TYR A 78 2.31 13.02 11.77
C TYR A 78 3.26 14.13 11.38
N GLY A 79 4.27 13.82 10.58
CA GLY A 79 5.27 14.84 10.31
C GLY A 79 6.52 14.20 9.74
N VAL A 80 7.57 15.01 9.69
CA VAL A 80 8.86 14.58 9.18
C VAL A 80 9.93 15.06 10.12
N CYS A 81 11.04 14.34 10.15
CA CYS A 81 12.22 14.77 10.87
C CYS A 81 13.34 14.85 9.86
N VAL A 82 13.80 16.06 9.56
CA VAL A 82 14.92 16.23 8.65
C VAL A 82 16.10 16.88 9.36
N CYS A 83 16.21 16.68 10.69
CA CYS A 83 17.37 17.13 11.43
C CYS A 83 18.63 16.42 10.93
N GLY A 84 19.72 17.14 10.93
CA GLY A 84 20.99 16.50 10.62
C GLY A 84 20.97 15.91 9.23
N ASP A 85 21.46 14.68 9.11
CA ASP A 85 21.50 13.98 7.83
C ASP A 85 20.36 12.96 7.69
N GLU A 86 19.33 13.06 8.53
CA GLU A 86 18.20 12.15 8.50
C GLU A 86 17.14 12.64 7.53
N ASN A 87 16.46 11.70 6.85
CA ASN A 87 15.19 11.96 6.19
C ASN A 87 14.23 10.96 6.78
N ILE A 88 13.36 11.38 7.70
CA ILE A 88 12.48 10.45 8.41
C ILE A 88 11.04 10.88 8.22
N LEU A 89 10.17 9.93 7.89
CA LEU A 89 8.73 10.14 7.88
C LEU A 89 8.17 9.51 9.15
N VAL A 90 7.36 10.29 9.91
CA VAL A 90 6.76 9.83 11.16
C VAL A 90 5.29 9.59 10.91
N GLN A 91 4.88 8.33 11.09
CA GLN A 91 3.50 7.91 10.82
C GLN A 91 2.84 7.27 12.01
N GLU A 92 1.49 7.17 11.97
CA GLU A 92 0.81 6.45 13.04
C GLU A 92 1.29 5.00 13.09
N PHE A 93 1.35 4.47 14.31
CA PHE A 93 1.72 3.07 14.49
C PHE A 93 0.48 2.19 14.49
N VAL A 94 0.48 1.18 13.62
CA VAL A 94 -0.69 0.33 13.41
C VAL A 94 -0.36 -1.02 14.03
N LYS A 95 -1.09 -1.37 15.09
CA LYS A 95 -0.67 -2.46 15.95
C LYS A 95 -0.51 -3.76 15.19
N PHE A 96 -1.35 -4.01 14.19
CA PHE A 96 -1.38 -5.34 13.59
C PHE A 96 -0.60 -5.42 12.32
N GLY A 97 0.07 -4.36 11.93
CA GLY A 97 0.99 -4.33 10.81
C GLY A 97 0.31 -4.47 9.46
N SER A 98 1.05 -5.01 8.48
CA SER A 98 0.57 -4.96 7.12
C SER A 98 -0.07 -6.27 6.70
N LEU A 99 -0.90 -6.18 5.67
CA LEU A 99 -1.72 -7.31 5.29
C LEU A 99 -0.94 -8.44 4.65
N ASP A 100 0.16 -8.17 3.94
CA ASP A 100 0.92 -9.30 3.41
C ASP A 100 1.24 -10.33 4.52
N THR A 101 1.77 -9.84 5.64
CA THR A 101 2.12 -10.72 6.74
C THR A 101 0.88 -11.32 7.41
N TYR A 102 -0.12 -10.47 7.66
CA TYR A 102 -1.29 -10.92 8.38
C TYR A 102 -2.01 -12.03 7.63
N LEU A 103 -2.08 -11.93 6.30
CA LEU A 103 -2.79 -12.94 5.53
C LEU A 103 -2.06 -14.26 5.62
N LYS A 104 -0.73 -14.22 5.64
CA LYS A 104 0.00 -15.48 5.82
C LYS A 104 -0.21 -16.06 7.22
N LYS A 105 -0.09 -15.23 8.25
CA LYS A 105 -0.14 -15.70 9.63
C LYS A 105 -1.54 -16.17 10.04
N ASN A 106 -2.59 -15.59 9.45
CA ASN A 106 -3.94 -15.93 9.85
C ASN A 106 -4.67 -16.63 8.71
N LYS A 107 -3.93 -17.24 7.78
CA LYS A 107 -4.51 -17.89 6.61
C LYS A 107 -5.56 -18.91 7.01
N ASN A 108 -5.39 -19.54 8.17
CA ASN A 108 -6.33 -20.57 8.61
C ASN A 108 -7.67 -20.00 9.02
N CYS A 109 -7.77 -18.71 9.35
CA CYS A 109 -9.00 -18.19 9.91
C CYS A 109 -9.51 -16.93 9.21
N ILE A 110 -9.11 -16.71 7.97
CA ILE A 110 -9.61 -15.62 7.15
C ILE A 110 -10.52 -16.22 6.08
N ASN A 111 -11.80 -15.85 6.10
CA ASN A 111 -12.79 -16.47 5.21
C ASN A 111 -13.26 -15.47 4.16
N ILE A 112 -14.23 -15.93 3.36
CA ILE A 112 -14.65 -15.15 2.21
C ILE A 112 -15.21 -13.82 2.63
N LEU A 113 -15.98 -13.80 3.73
CA LEU A 113 -16.58 -12.56 4.21
C LEU A 113 -15.53 -11.56 4.66
N TRP A 114 -14.50 -12.02 5.36
CA TRP A 114 -13.39 -11.15 5.73
C TRP A 114 -12.73 -10.54 4.49
N LYS A 115 -12.43 -11.40 3.49
CA LYS A 115 -11.78 -10.89 2.28
C LYS A 115 -12.68 -9.89 1.55
N LEU A 116 -14.00 -10.16 1.50
CA LEU A 116 -14.92 -9.24 0.84
C LEU A 116 -14.95 -7.90 1.56
N GLU A 117 -14.98 -7.92 2.90
CA GLU A 117 -15.02 -6.68 3.66
C GLU A 117 -13.76 -5.86 3.44
N VAL A 118 -12.60 -6.52 3.46
CA VAL A 118 -11.35 -5.80 3.21
C VAL A 118 -11.30 -5.26 1.77
N ALA A 119 -11.75 -6.05 0.79
CA ALA A 119 -11.75 -5.57 -0.58
C ALA A 119 -12.65 -4.35 -0.73
N LYS A 120 -13.82 -4.36 -0.06
CA LYS A 120 -14.73 -3.21 -0.10
C LYS A 120 -14.07 -1.97 0.48
N GLN A 121 -13.36 -2.14 1.59
CA GLN A 121 -12.73 -0.99 2.22
C GLN A 121 -11.61 -0.45 1.36
N LEU A 122 -10.82 -1.33 0.74
CA LEU A 122 -9.77 -0.84 -0.14
C LEU A 122 -10.39 -0.15 -1.34
N ALA A 123 -11.47 -0.70 -1.87
CA ALA A 123 -12.11 -0.06 -3.01
C ALA A 123 -12.69 1.30 -2.62
N ALA A 124 -13.21 1.44 -1.40
CA ALA A 124 -13.67 2.75 -0.93
C ALA A 124 -12.51 3.75 -0.88
N ALA A 125 -11.37 3.35 -0.33
CA ALA A 125 -10.21 4.26 -0.35
C ALA A 125 -9.84 4.66 -1.77
N MET A 126 -9.80 3.68 -2.70
CA MET A 126 -9.41 3.99 -4.08
C MET A 126 -10.46 4.83 -4.80
N HIS A 127 -11.74 4.66 -4.48
CA HIS A 127 -12.75 5.52 -5.05
C HIS A 127 -12.55 6.95 -4.61
N PHE A 128 -12.23 7.15 -3.32
CA PHE A 128 -11.97 8.49 -2.83
C PHE A 128 -10.80 9.12 -3.56
N LEU A 129 -9.71 8.34 -3.73
CA LEU A 129 -8.57 8.86 -4.48
C LEU A 129 -8.94 9.15 -5.95
N GLU A 130 -9.75 8.27 -6.57
CA GLU A 130 -10.14 8.48 -7.96
C GLU A 130 -10.99 9.75 -8.13
N GLU A 131 -11.97 9.95 -7.23
CA GLU A 131 -12.81 11.15 -7.26
C GLU A 131 -12.00 12.42 -7.12
N ASN A 132 -10.87 12.33 -6.40
CA ASN A 132 -9.95 13.44 -6.21
C ASN A 132 -8.81 13.47 -7.23
N THR A 133 -8.90 12.62 -8.27
CA THR A 133 -7.88 12.45 -9.30
C THR A 133 -6.46 12.42 -8.73
N LEU A 134 -6.28 11.64 -7.65
CA LEU A 134 -5.00 11.50 -6.97
C LEU A 134 -4.47 10.08 -7.18
N ILE A 135 -3.34 9.97 -7.86
CA ILE A 135 -2.70 8.68 -8.13
C ILE A 135 -1.95 8.22 -6.89
N HIS A 136 -2.12 6.97 -6.51
CA HIS A 136 -1.31 6.37 -5.44
C HIS A 136 -0.03 5.81 -6.00
N GLY A 137 -0.12 4.85 -6.91
CA GLY A 137 1.01 4.36 -7.66
C GLY A 137 1.70 3.12 -7.09
N ASN A 138 1.29 2.67 -5.90
CA ASN A 138 1.89 1.44 -5.40
C ASN A 138 0.92 0.74 -4.47
N VAL A 139 -0.24 0.35 -5.04
CA VAL A 139 -1.21 -0.42 -4.26
C VAL A 139 -0.77 -1.87 -4.19
N CYS A 140 -0.66 -2.41 -2.97
CA CYS A 140 -0.20 -3.80 -2.76
C CYS A 140 -0.52 -4.15 -1.31
N ALA A 141 -0.53 -5.46 -1.02
CA ALA A 141 -0.91 -5.86 0.35
C ALA A 141 0.07 -5.36 1.40
N LYS A 142 1.36 -5.19 1.04
CA LYS A 142 2.35 -4.64 1.98
C LYS A 142 2.00 -3.22 2.36
N ASN A 143 1.23 -2.51 1.53
CA ASN A 143 0.81 -1.15 1.81
C ASN A 143 -0.61 -1.07 2.32
N ILE A 144 -1.15 -2.16 2.84
CA ILE A 144 -2.46 -2.13 3.51
C ILE A 144 -2.22 -2.50 4.95
N LEU A 145 -2.67 -1.63 5.86
CA LEU A 145 -2.38 -1.78 7.28
C LEU A 145 -3.65 -2.20 7.98
N LEU A 146 -3.56 -3.10 8.93
CA LEU A 146 -4.73 -3.64 9.66
C LEU A 146 -4.86 -2.87 10.98
N ILE A 147 -5.83 -1.93 11.07
CA ILE A 147 -6.05 -1.15 12.29
C ILE A 147 -6.71 -1.98 13.38
N ARG A 148 -7.68 -2.81 13.00
CA ARG A 148 -8.54 -3.54 13.89
C ARG A 148 -8.80 -4.91 13.31
N GLU A 149 -8.63 -5.95 14.12
CA GLU A 149 -9.01 -7.30 13.70
C GLU A 149 -10.51 -7.46 13.69
N GLU A 150 -10.98 -8.41 12.90
CA GLU A 150 -12.37 -8.84 12.99
C GLU A 150 -12.67 -9.36 14.39
N ASP A 151 -13.86 -9.03 14.90
CA ASP A 151 -14.33 -9.57 16.18
C ASP A 151 -15.78 -9.95 15.97
N ARG A 152 -16.00 -11.20 15.54
CA ARG A 152 -17.37 -11.69 15.35
C ARG A 152 -18.19 -11.60 16.64
N LYS A 153 -17.56 -11.77 17.80
CA LYS A 153 -18.30 -11.75 19.05
C LYS A 153 -19.07 -10.45 19.26
N THR A 154 -18.63 -9.36 18.65
CA THR A 154 -19.35 -8.10 18.66
C THR A 154 -19.75 -7.65 17.26
N GLY A 155 -19.73 -8.54 16.28
CA GLY A 155 -20.03 -8.21 14.90
C GLY A 155 -19.00 -7.38 14.15
N ASN A 156 -17.99 -6.83 14.84
CA ASN A 156 -17.07 -5.86 14.27
C ASN A 156 -16.28 -6.40 13.07
N PRO A 157 -16.34 -5.77 11.91
CA PRO A 157 -15.49 -6.19 10.81
C PRO A 157 -14.06 -5.79 11.07
N PRO A 158 -13.10 -6.39 10.35
CA PRO A 158 -11.75 -5.80 10.30
C PRO A 158 -11.83 -4.39 9.76
N PHE A 159 -10.81 -3.58 10.05
CA PHE A 159 -10.72 -2.23 9.50
C PHE A 159 -9.30 -2.00 9.00
N ILE A 160 -9.17 -1.53 7.76
CA ILE A 160 -7.86 -1.30 7.13
C ILE A 160 -7.66 0.17 6.75
N LYS A 161 -6.36 0.52 6.55
CA LYS A 161 -5.97 1.76 5.91
C LYS A 161 -4.95 1.49 4.81
N LEU A 162 -4.97 2.33 3.79
CA LEU A 162 -3.93 2.32 2.76
C LEU A 162 -2.78 3.21 3.19
N SER A 163 -1.54 2.66 3.14
CA SER A 163 -0.35 3.39 3.49
C SER A 163 0.23 4.13 2.28
N ASP A 164 1.32 4.89 2.49
CA ASP A 164 1.89 5.70 1.39
C ASP A 164 2.61 4.81 0.37
N PRO A 165 2.74 5.28 -0.88
CA PRO A 165 3.31 4.44 -1.94
C PRO A 165 4.82 4.33 -1.93
N GLY A 166 5.55 5.08 -1.13
CA GLY A 166 6.98 5.12 -1.23
C GLY A 166 7.44 5.85 -2.48
N ILE A 167 8.76 5.83 -2.65
CA ILE A 167 9.38 6.48 -3.80
C ILE A 167 8.67 6.00 -5.08
N SER A 168 8.34 6.96 -5.95
CA SER A 168 7.52 6.70 -7.13
C SER A 168 8.22 5.79 -8.13
N ILE A 169 7.43 4.92 -8.78
CA ILE A 169 7.95 4.15 -9.90
C ILE A 169 8.42 5.05 -11.04
N THR A 170 8.00 6.31 -11.11
CA THR A 170 8.52 7.16 -12.16
C THR A 170 9.98 7.53 -11.98
N VAL A 171 10.60 7.29 -10.82
CA VAL A 171 12.02 7.60 -10.65
C VAL A 171 12.86 6.38 -10.29
N LEU A 172 12.25 5.20 -10.08
CA LEU A 172 13.01 4.06 -9.63
C LEU A 172 13.74 3.38 -10.78
N PRO A 173 14.84 2.69 -10.48
CA PRO A 173 15.54 1.94 -11.51
C PRO A 173 14.65 0.90 -12.17
N LYS A 174 14.90 0.67 -13.46
CA LYS A 174 14.11 -0.28 -14.24
C LYS A 174 14.11 -1.68 -13.62
N ASP A 175 15.24 -2.14 -13.06
CA ASP A 175 15.26 -3.50 -12.50
C ASP A 175 14.31 -3.63 -11.32
N ILE A 176 14.13 -2.57 -10.54
CA ILE A 176 13.17 -2.63 -9.45
C ILE A 176 11.74 -2.69 -9.97
N LEU A 177 11.41 -1.89 -11.00
CA LEU A 177 10.09 -1.99 -11.59
C LEU A 177 9.82 -3.38 -12.11
N GLN A 178 10.81 -4.02 -12.74
CA GLN A 178 10.54 -5.34 -13.28
C GLN A 178 10.32 -6.35 -12.17
N GLU A 179 11.08 -6.25 -11.09
CA GLU A 179 10.83 -7.11 -9.94
C GLU A 179 9.43 -6.93 -9.38
N ARG A 180 8.81 -5.75 -9.61
CA ARG A 180 7.50 -5.46 -9.08
C ARG A 180 6.37 -5.84 -10.02
N ILE A 181 6.67 -6.46 -11.15
CA ILE A 181 5.59 -7.15 -11.88
C ILE A 181 5.05 -8.26 -11.00
N PRO A 182 3.72 -8.47 -10.89
CA PRO A 182 2.63 -7.87 -11.68
C PRO A 182 1.88 -6.78 -10.91
N TRP A 183 2.46 -6.12 -9.92
CA TRP A 183 1.83 -4.93 -9.36
C TRP A 183 2.00 -3.74 -10.29
N VAL A 184 3.20 -3.54 -10.83
CA VAL A 184 3.36 -2.48 -11.82
C VAL A 184 2.69 -2.90 -13.12
N PRO A 185 1.79 -2.09 -13.70
CA PRO A 185 1.04 -2.55 -14.86
C PRO A 185 1.90 -2.56 -16.11
N PRO A 186 1.47 -3.27 -17.17
CA PRO A 186 2.30 -3.37 -18.38
C PRO A 186 2.64 -2.05 -19.01
N GLU A 187 1.72 -1.07 -19.03
CA GLU A 187 2.03 0.17 -19.69
C GLU A 187 3.13 0.93 -18.96
N CYS A 188 3.30 0.67 -17.68
CA CYS A 188 4.33 1.35 -16.89
C CYS A 188 5.67 0.66 -17.03
N ILE A 189 5.68 -0.64 -17.33
CA ILE A 189 6.92 -1.29 -17.72
C ILE A 189 7.35 -0.77 -19.08
N GLU A 190 6.40 -0.54 -19.98
CA GLU A 190 6.73 0.05 -21.26
C GLU A 190 7.29 1.46 -21.08
N ASN A 191 6.68 2.25 -20.23
CA ASN A 191 7.11 3.63 -20.01
C ASN A 191 6.63 4.06 -18.64
N PRO A 192 7.51 4.17 -17.65
CA PRO A 192 7.05 4.52 -16.30
C PRO A 192 6.34 5.85 -16.29
N LYS A 193 6.56 6.72 -17.29
CA LYS A 193 5.82 7.97 -17.35
C LYS A 193 4.35 7.79 -17.70
N ASN A 194 3.91 6.59 -18.02
CA ASN A 194 2.50 6.30 -18.26
C ASN A 194 1.71 6.17 -16.96
N LEU A 195 2.34 6.35 -15.81
CA LEU A 195 1.63 6.24 -14.54
C LEU A 195 0.42 7.17 -14.54
N ASN A 196 -0.76 6.64 -14.21
CA ASN A 196 -1.96 7.47 -14.19
C ASN A 196 -3.04 6.73 -13.37
N LEU A 197 -4.24 7.28 -13.31
CA LEU A 197 -5.22 6.61 -12.44
C LEU A 197 -5.48 5.16 -12.84
N ALA A 198 -5.44 4.85 -14.16
CA ALA A 198 -5.65 3.45 -14.53
C ALA A 198 -4.62 2.50 -13.94
N THR A 199 -3.40 3.01 -13.64
CA THR A 199 -2.41 2.19 -12.97
C THR A 199 -2.95 1.57 -11.73
N ASP A 200 -3.65 2.36 -10.91
CA ASP A 200 -4.08 1.87 -9.62
C ASP A 200 -5.20 0.86 -9.75
N LYS A 201 -5.98 0.87 -10.86
CA LYS A 201 -6.96 -0.20 -11.04
C LYS A 201 -6.28 -1.54 -11.29
N TRP A 202 -5.21 -1.54 -12.09
CA TRP A 202 -4.48 -2.80 -12.30
C TRP A 202 -3.90 -3.32 -11.00
N SER A 203 -3.22 -2.43 -10.25
CA SER A 203 -2.55 -2.86 -9.02
C SER A 203 -3.58 -3.28 -7.97
N PHE A 204 -4.76 -2.62 -7.95
CA PHE A 204 -5.83 -3.11 -7.10
C PHE A 204 -6.19 -4.55 -7.41
N GLY A 205 -6.30 -4.91 -8.71
CA GLY A 205 -6.51 -6.33 -9.04
C GLY A 205 -5.45 -7.23 -8.46
N THR A 206 -4.15 -6.86 -8.63
CA THR A 206 -3.09 -7.72 -8.09
C THR A 206 -3.21 -7.85 -6.58
N THR A 207 -3.63 -6.77 -5.91
CA THR A 207 -3.76 -6.75 -4.46
C THR A 207 -4.91 -7.61 -4.00
N LEU A 208 -6.04 -7.56 -4.75
CA LEU A 208 -7.12 -8.51 -4.46
C LEU A 208 -6.64 -9.95 -4.60
N TRP A 209 -5.81 -10.25 -5.62
CA TRP A 209 -5.24 -11.59 -5.73
C TRP A 209 -4.46 -11.96 -4.47
N GLU A 210 -3.65 -11.03 -3.98
CA GLU A 210 -2.94 -11.28 -2.72
C GLU A 210 -3.92 -11.59 -1.58
N ILE A 211 -4.95 -10.74 -1.43
CA ILE A 211 -5.89 -10.94 -0.35
C ILE A 211 -6.56 -12.31 -0.40
N CYS A 212 -6.73 -12.85 -1.61
CA CYS A 212 -7.34 -14.15 -1.76
C CYS A 212 -6.37 -15.32 -1.71
N SER A 213 -5.06 -15.06 -1.61
CA SER A 213 -4.03 -16.10 -1.75
C SER A 213 -3.17 -16.32 -0.52
N GLY A 214 -3.58 -15.86 0.67
CA GLY A 214 -3.03 -16.38 1.92
C GLY A 214 -1.57 -16.09 2.24
N GLY A 215 -1.03 -15.01 1.72
CA GLY A 215 0.38 -14.68 1.89
C GLY A 215 1.21 -14.88 0.64
N ASP A 216 0.69 -15.62 -0.34
CA ASP A 216 1.42 -15.83 -1.59
C ASP A 216 1.57 -14.55 -2.40
N LYS A 217 2.70 -14.47 -3.10
CA LYS A 217 3.01 -13.36 -3.98
C LYS A 217 2.87 -13.83 -5.41
N PRO A 218 2.05 -13.18 -6.22
CA PRO A 218 1.85 -13.66 -7.57
C PRO A 218 3.14 -13.59 -8.39
N LEU A 219 3.37 -14.64 -9.20
CA LEU A 219 4.54 -14.79 -10.04
C LEU A 219 5.86 -14.79 -9.28
N SER A 220 5.85 -15.11 -7.98
CA SER A 220 7.11 -15.09 -7.25
C SER A 220 8.10 -16.08 -7.81
N ALA A 221 7.65 -17.17 -8.45
CA ALA A 221 8.59 -18.14 -8.97
C ALA A 221 9.26 -17.67 -10.26
N LEU A 222 8.79 -16.55 -10.84
CA LEU A 222 9.36 -16.09 -12.10
C LEU A 222 10.45 -15.06 -11.82
N ASP A 223 11.61 -15.26 -12.43
CA ASP A 223 12.64 -14.21 -12.34
C ASP A 223 12.18 -13.01 -13.18
N SER A 224 12.97 -11.92 -13.15
CA SER A 224 12.57 -10.69 -13.83
C SER A 224 12.37 -10.88 -15.34
N GLN A 225 13.26 -11.61 -16.02
CA GLN A 225 13.07 -11.82 -17.46
C GLN A 225 11.75 -12.54 -17.74
N ARG A 226 11.44 -13.56 -16.94
CA ARG A 226 10.19 -14.28 -17.14
C ARG A 226 9.01 -13.42 -16.77
N LYS A 227 9.14 -12.50 -15.80
CA LYS A 227 8.02 -11.59 -15.54
C LYS A 227 7.74 -10.65 -16.72
N LEU A 228 8.82 -10.17 -17.36
CA LEU A 228 8.63 -9.37 -18.56
C LEU A 228 7.91 -10.17 -19.62
N GLN A 229 8.35 -11.40 -19.84
CA GLN A 229 7.75 -12.19 -20.90
C GLN A 229 6.29 -12.53 -20.59
N PHE A 230 5.94 -12.62 -19.30
CA PHE A 230 4.56 -12.85 -18.90
C PHE A 230 3.68 -11.74 -19.44
N TYR A 231 4.15 -10.48 -19.31
CA TYR A 231 3.43 -9.37 -19.95
C TYR A 231 3.46 -9.42 -21.47
N GLU A 232 4.62 -9.79 -22.08
CA GLU A 232 4.67 -9.82 -23.54
C GLU A 232 3.67 -10.82 -24.11
N ASP A 233 3.45 -11.92 -23.42
CA ASP A 233 2.51 -12.96 -23.83
C ASP A 233 1.09 -12.70 -23.35
N ARG A 234 0.87 -11.57 -22.67
CA ARG A 234 -0.47 -11.11 -22.24
C ARG A 234 -1.17 -12.13 -21.34
N HIS A 235 -0.40 -12.74 -20.46
CA HIS A 235 -1.01 -13.71 -19.57
C HIS A 235 -1.78 -13.01 -18.44
N GLN A 236 -2.67 -13.79 -17.82
CA GLN A 236 -3.36 -13.37 -16.62
C GLN A 236 -2.98 -14.23 -15.43
N LEU A 237 -3.25 -13.71 -14.25
CA LEU A 237 -2.87 -14.46 -13.05
C LEU A 237 -3.81 -15.66 -12.96
N PRO A 238 -3.35 -16.76 -12.38
CA PRO A 238 -4.25 -17.87 -12.12
C PRO A 238 -5.32 -17.48 -11.12
N ALA A 239 -6.46 -18.14 -11.19
CA ALA A 239 -7.46 -17.84 -10.18
C ALA A 239 -6.99 -18.36 -8.83
N PRO A 240 -7.18 -17.61 -7.76
CA PRO A 240 -6.96 -18.16 -6.41
C PRO A 240 -7.85 -19.38 -6.16
N LYS A 241 -7.36 -20.32 -5.33
CA LYS A 241 -8.15 -21.52 -5.03
C LYS A 241 -9.54 -21.16 -4.55
N ALA A 242 -9.63 -20.18 -3.65
CA ALA A 242 -10.88 -19.52 -3.30
C ALA A 242 -11.09 -18.41 -4.32
N ALA A 243 -11.91 -18.71 -5.34
CA ALA A 243 -11.93 -17.95 -6.59
C ALA A 243 -13.06 -16.94 -6.67
N GLU A 244 -13.70 -16.62 -5.54
CA GLU A 244 -14.89 -15.75 -5.57
C GLU A 244 -14.62 -14.39 -6.22
N LEU A 245 -13.39 -13.88 -6.13
CA LEU A 245 -13.06 -12.55 -6.65
C LEU A 245 -12.28 -12.65 -7.97
N ALA A 246 -12.12 -13.85 -8.54
CA ALA A 246 -11.17 -13.98 -9.64
C ALA A 246 -11.61 -13.19 -10.88
N ASN A 247 -12.95 -13.16 -11.14
CA ASN A 247 -13.35 -12.38 -12.32
C ASN A 247 -13.10 -10.90 -12.13
N LEU A 248 -13.30 -10.38 -10.89
CA LEU A 248 -12.98 -8.99 -10.61
C LEU A 248 -11.50 -8.70 -10.76
N ILE A 249 -10.66 -9.60 -10.25
CA ILE A 249 -9.21 -9.49 -10.41
C ILE A 249 -8.84 -9.35 -11.86
N ASN A 250 -9.41 -10.23 -12.70
CA ASN A 250 -9.00 -10.20 -14.09
C ASN A 250 -9.58 -9.02 -14.83
N ASN A 251 -10.79 -8.57 -14.47
CA ASN A 251 -11.34 -7.38 -15.09
C ASN A 251 -10.55 -6.13 -14.73
N CYS A 252 -9.98 -6.08 -13.54
CA CYS A 252 -9.15 -4.96 -13.18
C CYS A 252 -7.79 -5.01 -13.85
N MET A 253 -7.21 -6.23 -13.97
CA MET A 253 -5.93 -6.46 -14.64
C MET A 253 -6.16 -6.58 -16.14
N ASP A 254 -6.74 -5.53 -16.71
CA ASP A 254 -6.97 -5.50 -18.15
C ASP A 254 -5.76 -4.86 -18.83
N TYR A 255 -5.21 -5.54 -19.83
CA TYR A 255 -4.07 -4.97 -20.56
C TYR A 255 -4.42 -3.67 -21.29
N GLU A 256 -5.71 -3.38 -21.51
CA GLU A 256 -6.11 -2.09 -22.07
C GLU A 256 -6.47 -1.14 -20.92
N PRO A 257 -5.62 -0.16 -20.60
CA PRO A 257 -5.90 0.65 -19.41
C PRO A 257 -7.25 1.35 -19.46
N ASP A 258 -7.67 1.78 -20.64
CA ASP A 258 -8.93 2.50 -20.73
C ASP A 258 -10.14 1.62 -20.46
N HIS A 259 -9.97 0.31 -20.48
CA HIS A 259 -11.08 -0.60 -20.25
C HIS A 259 -11.21 -1.02 -18.81
N ARG A 260 -10.24 -0.66 -17.95
CA ARG A 260 -10.34 -1.04 -16.56
C ARG A 260 -11.51 -0.29 -15.91
N PRO A 261 -12.30 -0.97 -15.07
CA PRO A 261 -13.55 -0.38 -14.54
C PRO A 261 -13.26 0.69 -13.49
N SER A 262 -14.18 1.65 -13.40
CA SER A 262 -14.11 2.68 -12.38
C SER A 262 -14.22 2.03 -11.02
N PHE A 263 -13.69 2.70 -10.01
CA PHE A 263 -13.90 2.15 -8.67
C PHE A 263 -15.37 2.17 -8.25
N ARG A 264 -16.18 3.10 -8.76
CA ARG A 264 -17.62 3.01 -8.53
C ARG A 264 -18.18 1.66 -9.03
N ALA A 265 -17.78 1.26 -10.25
CA ALA A 265 -18.25 -0.02 -10.80
C ALA A 265 -17.70 -1.21 -10.01
N ILE A 266 -16.44 -1.11 -9.57
CA ILE A 266 -15.85 -2.14 -8.74
C ILE A 266 -16.65 -2.32 -7.47
N ILE A 267 -16.95 -1.21 -6.81
CA ILE A 267 -17.75 -1.27 -5.60
C ILE A 267 -19.11 -1.90 -5.86
N ARG A 268 -19.77 -1.54 -6.96
CA ARG A 268 -21.06 -2.16 -7.26
C ARG A 268 -20.93 -3.66 -7.46
N ASP A 269 -19.84 -4.08 -8.12
CA ASP A 269 -19.56 -5.50 -8.32
C ASP A 269 -19.35 -6.20 -6.98
N LEU A 270 -18.51 -5.64 -6.11
CA LEU A 270 -18.33 -6.25 -4.80
C LEU A 270 -19.64 -6.34 -4.01
N ASN A 271 -20.45 -5.27 -4.03
CA ASN A 271 -21.72 -5.31 -3.33
C ASN A 271 -22.66 -6.37 -3.90
N SER A 272 -22.44 -6.81 -5.16
CA SER A 272 -23.33 -7.84 -5.69
C SER A 272 -23.04 -9.24 -5.13
N LEU A 273 -21.93 -9.44 -4.43
CA LEU A 273 -21.50 -10.78 -4.02
C LEU A 273 -21.99 -11.16 -2.63
#